data_5R5A
#
_entry.id   5R5A
#
_cell.length_a   49.600
_cell.length_b   52.300
_cell.length_c   101.700
_cell.angle_alpha   90.000
_cell.angle_beta   90.000
_cell.angle_gamma   90.000
#
_symmetry.space_group_name_H-M   'P 21 21 21'
#
loop_
_entity.id
_entity.type
_entity.pdbx_description
1 polymer 'Uridine diphosphate glucose pyrophosphatase NUDT22'
2 non-polymer morpholin-4-yl(1,2,3-thiadiazol-4-yl)methanone
3 non-polymer 'DIMETHYL SULFOXIDE'
4 water water
#
_entity_poly.entity_id   1
_entity_poly.type   'polypeptide(L)'
_entity_poly.pdbx_seq_one_letter_code
;SMDPEVTLLLQCPGGGLPQEQIQAELSPAHDRRPLPGGDEAITAIWETRLKAQPWLFDAPKFRLHSATLAPIGSRGPQLL
LRLGLTSYRDFLGTNWSSSAAWLRQQGATDWGDTQAYLADPLGVGAALATADDFLVFLRRSRQVAEAPGLVDVPGGHPEP
QALCPGGSPQHQDLAGQLVVHELFSSVLQEICDEVNLPLLTLSQPLLLGIARNETSAGRASAEFYVQCSLTSEQVRKHYL
SGGPEAHESTGIFFVETQNVRRLPETEMWAELCPSAKGAIILYNRVQGSPTGAALGSPALLPPL
;
_entity_poly.pdbx_strand_id   A
#
# COMPACT_ATOMS: atom_id res chain seq x y z
N ASP A 3 -17.00 -1.62 -5.44
N ASP A 3 -16.99 -0.98 -4.42
CA ASP A 3 -15.60 -2.14 -5.36
CA ASP A 3 -16.04 -1.92 -5.07
C ASP A 3 -15.46 -3.03 -4.13
C ASP A 3 -15.59 -2.96 -4.05
N PRO A 4 -16.06 -4.24 -4.14
CA PRO A 4 -15.95 -5.15 -3.02
C PRO A 4 -14.52 -5.61 -2.80
N GLU A 5 -13.56 -5.39 -3.72
CA GLU A 5 -12.24 -5.98 -3.49
C GLU A 5 -11.36 -5.01 -2.70
N VAL A 6 -11.84 -3.80 -2.37
CA VAL A 6 -11.08 -2.86 -1.50
C VAL A 6 -11.98 -2.23 -0.43
N THR A 7 -11.51 -2.21 0.83
CA THR A 7 -12.19 -1.51 1.95
C THR A 7 -11.23 -0.48 2.57
N LEU A 8 -11.72 0.68 2.96
CA LEU A 8 -10.86 1.71 3.64
C LEU A 8 -10.80 1.40 5.12
N LEU A 9 -9.61 1.26 5.69
CA LEU A 9 -9.46 1.11 7.15
C LEU A 9 -9.23 2.48 7.80
N LEU A 10 -8.57 3.40 7.12
CA LEU A 10 -8.22 4.73 7.68
C LEU A 10 -8.25 5.77 6.56
N GLN A 11 -8.89 6.94 6.78
CA GLN A 11 -8.79 8.16 5.93
C GLN A 11 -8.15 9.24 6.79
N CYS A 12 -7.00 9.76 6.42
CA CYS A 12 -6.27 10.76 7.24
C CYS A 12 -6.88 12.14 7.08
N PRO A 13 -6.81 12.94 8.17
CA PRO A 13 -7.25 14.33 8.13
C PRO A 13 -6.18 15.29 7.59
N GLY A 14 -6.56 16.54 7.41
CA GLY A 14 -5.65 17.65 7.11
C GLY A 14 -5.01 17.57 5.75
N GLY A 15 -5.52 16.75 4.82
CA GLY A 15 -4.88 16.57 3.51
C GLY A 15 -3.81 15.49 3.55
N GLY A 16 -3.60 14.85 4.69
CA GLY A 16 -2.63 13.75 4.86
C GLY A 16 -1.65 14.04 5.98
N LEU A 17 -1.14 13.01 6.65
CA LEU A 17 -0.21 13.19 7.80
C LEU A 17 1.26 13.07 7.44
N PRO A 18 2.11 14.04 7.93
CA PRO A 18 3.56 13.91 7.84
C PRO A 18 4.09 12.95 8.91
N GLN A 19 5.30 12.45 8.65
CA GLN A 19 6.04 11.51 9.52
C GLN A 19 5.97 11.93 11.00
N GLU A 20 6.20 13.21 11.28
CA GLU A 20 6.35 13.71 12.67
C GLU A 20 5.02 13.63 13.46
N GLN A 21 3.89 13.34 12.80
CA GLN A 21 2.57 13.28 13.48
C GLN A 21 2.14 11.83 13.74
N ILE A 22 2.99 10.84 13.48
CA ILE A 22 2.61 9.42 13.61
C ILE A 22 3.51 8.72 14.64
N GLN A 23 2.86 7.96 15.50
CA GLN A 23 3.49 7.06 16.51
C GLN A 23 3.31 5.61 16.06
N ALA A 24 4.30 4.75 16.31
CA ALA A 24 4.12 3.30 16.12
C ALA A 24 4.38 2.58 17.46
N GLU A 25 3.62 1.53 17.69
CA GLU A 25 3.82 0.58 18.80
C GLU A 25 4.12 -0.77 18.12
N LEU A 26 5.38 -1.20 18.15
CA LEU A 26 5.83 -2.51 17.59
C LEU A 26 5.94 -3.49 18.75
N SER A 27 5.07 -4.49 18.82
CA SER A 27 4.88 -5.37 20.00
C SER A 27 4.55 -6.78 19.56
N PRO A 28 5.07 -7.84 20.23
CA PRO A 28 4.66 -9.21 19.91
C PRO A 28 3.17 -9.47 20.22
N ALA A 29 2.50 -8.63 21.01
CA ALA A 29 1.02 -8.70 21.20
C ALA A 29 0.25 -8.45 19.88
N HIS A 30 0.91 -7.85 18.87
CA HIS A 30 0.31 -7.47 17.56
C HIS A 30 0.62 -8.52 16.47
N ASP A 31 1.23 -9.64 16.85
CA ASP A 31 1.60 -10.74 15.93
C ASP A 31 0.37 -11.57 15.57
N ARG A 32 0.48 -12.34 14.50
CA ARG A 32 -0.47 -13.42 14.17
C ARG A 32 -0.52 -14.44 15.34
N ARG A 33 -1.70 -14.98 15.57
CA ARG A 33 -1.93 -16.10 16.53
C ARG A 33 -1.50 -17.40 15.85
N PRO A 34 -0.88 -18.33 16.59
CA PRO A 34 -0.60 -19.67 16.04
C PRO A 34 -1.87 -20.34 15.48
N LEU A 35 -1.77 -21.05 14.35
CA LEU A 35 -2.94 -21.69 13.69
C LEU A 35 -3.55 -22.76 14.60
N PRO A 36 -4.88 -22.96 14.56
CA PRO A 36 -5.52 -23.91 15.49
C PRO A 36 -4.87 -25.31 15.61
N GLY A 37 -4.49 -25.89 14.47
CA GLY A 37 -3.89 -27.24 14.40
C GLY A 37 -2.37 -27.18 14.32
N GLY A 38 -1.81 -25.99 14.47
CA GLY A 38 -0.36 -25.73 14.60
C GLY A 38 0.20 -25.11 13.33
N ASP A 39 1.32 -24.41 13.48
CA ASP A 39 2.00 -23.73 12.34
C ASP A 39 2.72 -24.74 11.42
N GLU A 40 2.67 -26.04 11.71
CA GLU A 40 3.17 -27.07 10.76
C GLU A 40 2.53 -26.97 9.38
N ALA A 41 1.29 -26.49 9.24
CA ALA A 41 0.60 -26.32 7.94
C ALA A 41 1.38 -25.28 7.10
N ILE A 42 1.94 -24.25 7.72
CA ILE A 42 2.72 -23.18 7.01
C ILE A 42 4.05 -23.77 6.53
N THR A 43 4.70 -24.51 7.40
CA THR A 43 5.99 -25.15 7.13
C THR A 43 5.82 -26.13 5.97
N ALA A 44 4.74 -26.92 5.92
CA ALA A 44 4.49 -27.87 4.82
C ALA A 44 4.37 -27.12 3.47
N ILE A 45 3.59 -26.03 3.40
CA ILE A 45 3.37 -25.25 2.15
C ILE A 45 4.73 -24.71 1.68
N TRP A 46 5.54 -24.21 2.60
CA TRP A 46 6.87 -23.60 2.28
C TRP A 46 7.83 -24.67 1.72
N GLU A 47 7.91 -25.81 2.39
CA GLU A 47 8.73 -26.95 1.92
C GLU A 47 8.32 -27.37 0.51
N THR A 48 7.03 -27.52 0.20
CA THR A 48 6.52 -27.87 -1.15
C THR A 48 7.01 -26.83 -2.16
N ARG A 49 6.92 -25.54 -1.79
CA ARG A 49 7.28 -24.44 -2.70
C ARG A 49 8.80 -24.49 -2.92
N LEU A 50 9.62 -24.64 -1.89
CA LEU A 50 11.11 -24.61 -2.05
C LEU A 50 11.58 -25.83 -2.86
N LYS A 51 10.87 -26.96 -2.80
CA LYS A 51 11.28 -28.17 -3.55
C LYS A 51 10.95 -28.03 -5.06
N ALA A 52 10.19 -27.03 -5.46
CA ALA A 52 9.93 -26.64 -6.87
C ALA A 52 10.80 -25.44 -7.27
N GLN A 53 11.01 -24.50 -6.36
CA GLN A 53 11.71 -23.21 -6.66
C GLN A 53 12.76 -22.98 -5.56
N PRO A 54 13.88 -23.75 -5.57
CA PRO A 54 14.83 -23.69 -4.44
C PRO A 54 15.61 -22.39 -4.30
N TRP A 55 15.53 -21.47 -5.29
CA TRP A 55 16.13 -20.11 -5.23
C TRP A 55 15.26 -19.11 -4.44
N LEU A 56 14.06 -19.51 -4.02
CA LEU A 56 13.22 -18.57 -3.21
C LEU A 56 13.84 -18.37 -1.82
N PHE A 57 13.63 -17.19 -1.24
CA PHE A 57 14.09 -16.91 0.14
C PHE A 57 12.98 -16.21 0.94
N ASP A 58 12.99 -16.45 2.23
CA ASP A 58 12.05 -15.80 3.17
C ASP A 58 12.56 -14.37 3.42
N ALA A 59 11.71 -13.51 3.95
CA ALA A 59 12.08 -12.14 4.40
C ALA A 59 11.10 -11.72 5.49
N PRO A 60 11.57 -10.98 6.49
CA PRO A 60 10.66 -10.42 7.50
C PRO A 60 9.82 -9.29 6.87
N LYS A 61 8.66 -9.07 7.50
CA LYS A 61 7.70 -8.03 7.09
C LYS A 61 7.07 -7.42 8.36
N PHE A 62 6.60 -6.17 8.26
CA PHE A 62 5.73 -5.63 9.34
C PHE A 62 4.31 -6.19 9.17
N ARG A 63 3.66 -6.47 10.30
CA ARG A 63 2.22 -6.88 10.32
C ARG A 63 1.37 -5.70 10.80
N LEU A 64 0.29 -5.34 10.09
CA LEU A 64 -0.69 -4.34 10.62
C LEU A 64 -1.67 -5.04 11.54
N HIS A 65 -1.74 -4.64 12.82
CA HIS A 65 -2.84 -5.05 13.74
C HIS A 65 -4.02 -4.07 13.66
N SER A 66 -3.77 -2.77 13.78
CA SER A 66 -4.81 -1.71 13.85
C SER A 66 -4.14 -0.34 13.78
N ALA A 67 -4.94 0.71 13.53
CA ALA A 67 -4.48 2.10 13.40
C ALA A 67 -5.55 3.03 13.99
N THR A 68 -5.25 3.75 15.09
CA THR A 68 -6.25 4.61 15.78
C THR A 68 -5.92 6.09 15.56
N LEU A 69 -6.87 6.83 14.95
CA LEU A 69 -6.71 8.29 14.75
C LEU A 69 -7.15 9.04 16.01
N ALA A 70 -6.41 10.11 16.32
CA ALA A 70 -6.73 11.06 17.41
C ALA A 70 -8.06 11.75 17.08
N PRO A 71 -8.74 12.35 18.06
CA PRO A 71 -9.87 13.24 17.76
C PRO A 71 -9.44 14.35 16.79
N ILE A 72 -10.25 14.65 15.74
CA ILE A 72 -9.84 15.64 14.70
C ILE A 72 -9.66 17.03 15.33
N GLY A 73 -8.63 17.72 14.84
CA GLY A 73 -8.30 19.10 15.22
C GLY A 73 -7.46 19.20 16.47
N SER A 74 -7.04 18.07 17.02
CA SER A 74 -6.26 18.01 18.29
C SER A 74 -4.79 18.41 18.02
N ARG A 75 -4.10 18.76 19.11
CA ARG A 75 -2.64 18.98 19.11
C ARG A 75 -1.98 17.63 19.39
N GLY A 76 -0.69 17.52 19.11
CA GLY A 76 0.05 16.31 19.49
C GLY A 76 -0.09 15.23 18.42
N PRO A 77 0.44 14.01 18.68
CA PRO A 77 0.43 12.93 17.70
C PRO A 77 -0.99 12.58 17.24
N GLN A 78 -1.12 12.39 15.93
CA GLN A 78 -2.50 12.26 15.32
C GLN A 78 -2.85 10.81 15.00
N LEU A 79 -1.88 9.89 14.94
CA LEU A 79 -2.17 8.48 14.57
C LEU A 79 -1.29 7.58 15.40
N LEU A 80 -1.85 6.47 15.85
CA LEU A 80 -1.12 5.36 16.50
C LEU A 80 -1.25 4.11 15.61
N LEU A 81 -0.13 3.62 15.07
CA LEU A 81 -0.04 2.36 14.28
C LEU A 81 0.37 1.27 15.27
N ARG A 82 -0.44 0.22 15.41
CA ARG A 82 -0.08 -0.99 16.18
C ARG A 82 0.41 -2.06 15.20
N LEU A 83 1.70 -2.36 15.30
CA LEU A 83 2.39 -3.25 14.35
C LEU A 83 3.00 -4.46 15.11
N GLY A 84 3.01 -5.61 14.43
CA GLY A 84 3.78 -6.80 14.84
C GLY A 84 4.75 -7.17 13.76
N LEU A 85 5.28 -8.39 13.82
CA LEU A 85 6.20 -8.90 12.79
C LEU A 85 5.61 -10.16 12.17
N THR A 86 5.86 -10.31 10.88
CA THR A 86 5.44 -11.49 10.06
C THR A 86 6.55 -11.77 9.04
N SER A 87 6.24 -12.53 8.01
CA SER A 87 7.24 -12.97 7.00
C SER A 87 6.54 -13.31 5.71
N TYR A 88 7.31 -13.35 4.63
CA TYR A 88 6.84 -13.83 3.30
C TYR A 88 6.35 -15.28 3.43
N ARG A 89 7.09 -16.14 4.14
CA ARG A 89 6.67 -17.57 4.36
C ARG A 89 5.28 -17.65 5.01
N ASP A 90 5.09 -16.85 6.07
CA ASP A 90 3.77 -16.86 6.78
C ASP A 90 2.67 -16.32 5.86
N PHE A 91 2.94 -15.30 5.06
CA PHE A 91 1.98 -14.82 4.03
C PHE A 91 1.55 -15.98 3.09
N LEU A 92 2.52 -16.70 2.53
CA LEU A 92 2.21 -17.78 1.55
C LEU A 92 1.36 -18.86 2.21
N GLY A 93 1.55 -19.11 3.50
CA GLY A 93 0.83 -20.17 4.22
C GLY A 93 -0.52 -19.74 4.76
N THR A 94 -0.89 -18.46 4.67
CA THR A 94 -2.15 -17.94 5.29
C THR A 94 -2.94 -17.13 4.27
N ASN A 95 -2.65 -15.83 4.08
CA ASN A 95 -3.39 -14.99 3.11
C ASN A 95 -3.48 -15.61 1.71
N TRP A 96 -2.39 -16.21 1.22
CA TRP A 96 -2.27 -16.72 -0.18
C TRP A 96 -2.80 -18.16 -0.25
N SER A 97 -3.05 -18.80 0.89
CA SER A 97 -3.57 -20.21 0.95
C SER A 97 -5.01 -20.29 0.38
N SER A 98 -5.30 -21.42 -0.26
CA SER A 98 -6.65 -21.72 -0.78
C SER A 98 -7.67 -21.70 0.37
N SER A 99 -7.22 -21.97 1.60
N SER A 99 -7.26 -21.98 1.60
CA SER A 99 -8.05 -22.06 2.83
CA SER A 99 -8.18 -22.03 2.78
C SER A 99 -8.18 -20.71 3.56
C SER A 99 -8.19 -20.71 3.55
N ALA A 100 -7.72 -19.61 2.95
CA ALA A 100 -7.67 -18.29 3.66
C ALA A 100 -9.06 -17.93 4.24
N ALA A 101 -10.16 -18.18 3.50
CA ALA A 101 -11.51 -17.81 4.00
C ALA A 101 -11.82 -18.64 5.25
N TRP A 102 -11.39 -19.90 5.30
CA TRP A 102 -11.64 -20.78 6.49
C TRP A 102 -10.90 -20.19 7.68
N LEU A 103 -9.68 -19.68 7.46
CA LEU A 103 -8.87 -19.06 8.56
C LEU A 103 -9.55 -17.78 9.05
N ARG A 104 -10.16 -16.98 8.18
CA ARG A 104 -10.92 -15.77 8.59
C ARG A 104 -12.12 -16.13 9.46
N GLN A 105 -12.89 -17.15 9.08
CA GLN A 105 -14.07 -17.64 9.87
C GLN A 105 -13.62 -18.15 11.26
N GLN A 106 -12.53 -18.93 11.31
N GLN A 106 -12.53 -18.92 11.31
CA GLN A 106 -11.96 -19.50 12.55
CA GLN A 106 -11.99 -19.50 12.58
C GLN A 106 -11.50 -18.37 13.48
C GLN A 106 -11.49 -18.37 13.48
N GLY A 107 -10.90 -17.32 12.91
CA GLY A 107 -10.44 -16.16 13.69
C GLY A 107 -11.62 -15.40 14.30
N ALA A 108 -12.72 -15.22 13.57
CA ALA A 108 -13.96 -14.60 14.11
C ALA A 108 -14.50 -15.46 15.27
N THR A 109 -14.56 -16.78 15.07
CA THR A 109 -15.04 -17.74 16.12
C THR A 109 -14.17 -17.67 17.38
N ASP A 110 -12.86 -17.85 17.25
CA ASP A 110 -11.93 -18.09 18.38
C ASP A 110 -11.54 -16.78 19.07
N TRP A 111 -11.39 -15.67 18.34
CA TRP A 111 -10.73 -14.44 18.82
C TRP A 111 -11.60 -13.20 18.61
N GLY A 112 -12.78 -13.32 17.99
CA GLY A 112 -13.57 -12.18 17.48
C GLY A 112 -12.78 -11.26 16.57
N ASP A 113 -11.94 -11.85 15.71
CA ASP A 113 -11.02 -11.08 14.85
C ASP A 113 -10.78 -11.87 13.56
N THR A 114 -11.37 -11.41 12.45
CA THR A 114 -11.26 -12.16 11.17
C THR A 114 -9.80 -12.29 10.76
N GLN A 115 -8.90 -11.40 11.24
CA GLN A 115 -7.48 -11.40 10.78
C GLN A 115 -6.55 -12.21 11.74
N ALA A 116 -7.03 -12.78 12.86
CA ALA A 116 -6.17 -13.27 13.97
C ALA A 116 -5.19 -14.34 13.47
N TYR A 117 -5.59 -15.14 12.48
CA TYR A 117 -4.77 -16.26 11.95
C TYR A 117 -4.08 -15.90 10.63
N LEU A 118 -4.08 -14.61 10.24
CA LEU A 118 -3.50 -14.16 8.93
C LEU A 118 -2.22 -13.36 9.14
N ALA A 119 -1.25 -13.64 8.30
CA ALA A 119 0.05 -12.92 8.33
C ALA A 119 -0.16 -11.41 8.18
N ASP A 120 -0.96 -10.97 7.23
CA ASP A 120 -1.32 -9.53 7.02
C ASP A 120 -0.08 -8.63 6.96
N PRO A 121 0.90 -8.94 6.08
CA PRO A 121 2.03 -8.02 5.86
C PRO A 121 1.58 -6.63 5.37
N LEU A 122 2.21 -5.60 5.90
CA LEU A 122 1.89 -4.20 5.53
C LEU A 122 2.60 -3.80 4.23
N GLY A 123 1.81 -3.43 3.23
CA GLY A 123 2.28 -2.83 1.97
C GLY A 123 2.40 -1.33 2.05
N VAL A 124 3.16 -0.74 1.15
CA VAL A 124 3.15 0.75 0.91
C VAL A 124 2.87 1.01 -0.57
N GLY A 125 2.12 2.06 -0.88
CA GLY A 125 1.89 2.50 -2.27
C GLY A 125 1.88 4.01 -2.33
N ALA A 126 2.08 4.58 -3.52
CA ALA A 126 2.09 6.04 -3.69
C ALA A 126 1.19 6.46 -4.85
N ALA A 127 0.42 7.52 -4.60
CA ALA A 127 -0.08 8.47 -5.60
C ALA A 127 1.05 9.45 -5.86
N LEU A 128 1.74 9.22 -6.98
CA LEU A 128 2.96 10.00 -7.32
C LEU A 128 2.60 11.03 -8.40
N ALA A 129 2.65 12.33 -8.07
CA ALA A 129 2.22 13.46 -8.96
C ALA A 129 3.45 14.08 -9.63
N THR A 130 3.36 14.43 -10.90
CA THR A 130 4.41 15.12 -11.67
C THR A 130 4.22 16.65 -11.59
N ALA A 131 5.26 17.40 -11.99
CA ALA A 131 5.25 18.88 -11.97
C ALA A 131 4.14 19.43 -12.87
N ASP A 132 3.76 18.71 -13.95
CA ASP A 132 2.70 19.07 -14.95
C ASP A 132 1.34 18.40 -14.66
N ASP A 133 1.13 17.97 -13.41
N ASP A 133 1.15 17.88 -13.45
CA ASP A 133 -0.16 17.52 -12.81
CA ASP A 133 -0.21 17.57 -12.90
C ASP A 133 -0.67 16.28 -13.55
C ASP A 133 -0.73 16.24 -13.44
N PHE A 134 0.10 15.20 -13.48
CA PHE A 134 -0.35 13.82 -13.81
C PHE A 134 -0.02 12.90 -12.63
N LEU A 135 -0.79 11.84 -12.44
CA LEU A 135 -0.36 10.68 -11.61
C LEU A 135 0.32 9.60 -12.47
N VAL A 136 1.25 8.86 -11.84
CA VAL A 136 2.09 7.79 -12.45
C VAL A 136 1.48 6.40 -12.24
N PHE A 137 1.33 5.62 -13.33
CA PHE A 137 0.81 4.22 -13.34
C PHE A 137 1.85 3.28 -14.00
N LEU A 138 1.88 2.03 -13.54
CA LEU A 138 2.83 0.98 -14.00
C LEU A 138 2.02 -0.24 -14.45
N ARG A 139 2.45 -0.89 -15.52
CA ARG A 139 1.77 -2.15 -15.98
C ARG A 139 2.50 -3.36 -15.42
N ARG A 140 1.78 -4.28 -14.79
CA ARG A 140 2.36 -5.52 -14.23
C ARG A 140 2.60 -6.53 -15.37
N SER A 141 3.69 -7.29 -15.28
CA SER A 141 3.96 -8.46 -16.15
C SER A 141 2.76 -9.43 -16.11
N ARG A 142 2.44 -10.06 -17.24
CA ARG A 142 1.35 -11.05 -17.41
C ARG A 142 1.83 -12.42 -16.89
N GLN A 143 3.09 -12.53 -16.48
CA GLN A 143 3.72 -13.82 -16.08
C GLN A 143 3.93 -13.92 -14.56
N VAL A 144 3.62 -12.89 -13.76
CA VAL A 144 3.80 -12.97 -12.27
C VAL A 144 2.57 -13.66 -11.65
N ALA A 145 2.67 -14.05 -10.38
CA ALA A 145 1.65 -14.82 -9.63
C ALA A 145 0.48 -13.95 -9.20
N GLU A 146 0.75 -12.74 -8.74
CA GLU A 146 -0.29 -11.84 -8.16
C GLU A 146 -0.68 -10.75 -9.15
N ALA A 147 -1.98 -10.64 -9.41
CA ALA A 147 -2.57 -9.55 -10.23
C ALA A 147 -1.83 -9.47 -11.58
N PRO A 148 -1.63 -10.61 -12.30
CA PRO A 148 -0.94 -10.55 -13.58
C PRO A 148 -1.62 -9.65 -14.61
N GLY A 149 -0.81 -8.84 -15.27
CA GLY A 149 -1.26 -8.00 -16.40
C GLY A 149 -2.02 -6.78 -15.95
N LEU A 150 -2.18 -6.54 -14.63
CA LEU A 150 -3.03 -5.43 -14.16
C LEU A 150 -2.20 -4.13 -14.02
N VAL A 151 -2.90 -3.02 -13.89
CA VAL A 151 -2.24 -1.69 -13.63
C VAL A 151 -1.97 -1.55 -12.12
N ASP A 152 -0.80 -1.04 -11.78
CA ASP A 152 -0.44 -0.75 -10.37
C ASP A 152 0.08 0.70 -10.23
N VAL A 153 0.34 1.10 -9.00
CA VAL A 153 1.08 2.37 -8.70
C VAL A 153 2.41 1.96 -8.09
N PRO A 154 3.41 2.87 -7.94
CA PRO A 154 4.66 2.50 -7.28
C PRO A 154 4.47 2.05 -5.83
N GLY A 155 5.21 1.03 -5.40
CA GLY A 155 5.12 0.57 -4.00
C GLY A 155 5.81 -0.74 -3.77
N GLY A 156 5.61 -1.32 -2.58
CA GLY A 156 6.22 -2.61 -2.26
C GLY A 156 5.87 -3.03 -0.85
N HIS A 157 6.58 -4.02 -0.30
CA HIS A 157 6.28 -4.54 1.07
C HIS A 157 7.55 -4.43 1.89
N PRO A 158 7.72 -3.38 2.73
CA PRO A 158 9.00 -3.14 3.40
C PRO A 158 9.45 -4.21 4.41
N GLU A 159 10.77 -4.43 4.47
CA GLU A 159 11.48 -5.37 5.36
C GLU A 159 12.02 -4.61 6.57
N PRO A 160 11.64 -4.97 7.82
CA PRO A 160 12.23 -4.49 9.07
C PRO A 160 13.79 -4.54 9.13
N GLN A 161 14.42 -3.50 9.72
CA GLN A 161 15.89 -3.18 9.70
C GLN A 161 16.60 -3.92 8.55
N ASP A 173 7.29 5.12 21.94
CA ASP A 173 7.70 5.53 20.57
C ASP A 173 9.23 5.43 20.44
N LEU A 174 9.92 4.64 21.27
CA LEU A 174 11.40 4.72 21.30
C LEU A 174 12.07 3.68 20.39
N ALA A 175 11.42 2.57 20.04
CA ALA A 175 11.73 1.87 18.75
C ALA A 175 10.72 2.32 17.68
N GLY A 176 9.57 2.89 18.11
CA GLY A 176 8.44 3.43 17.30
C GLY A 176 8.87 4.40 16.21
N GLN A 177 9.67 5.40 16.55
CA GLN A 177 9.99 6.51 15.62
C GLN A 177 10.90 5.97 14.52
N LEU A 178 11.75 4.98 14.82
CA LEU A 178 12.62 4.41 13.76
C LEU A 178 11.74 3.59 12.81
N VAL A 179 10.73 2.88 13.31
CA VAL A 179 9.78 2.14 12.43
C VAL A 179 9.01 3.11 11.53
N VAL A 180 8.44 4.19 12.06
CA VAL A 180 7.73 5.18 11.20
C VAL A 180 8.73 5.68 10.15
N HIS A 181 9.96 6.05 10.53
CA HIS A 181 10.97 6.51 9.56
C HIS A 181 11.18 5.47 8.45
N GLU A 182 11.27 4.18 8.79
N GLU A 182 11.25 4.18 8.82
CA GLU A 182 11.50 3.11 7.77
CA GLU A 182 11.47 3.06 7.85
C GLU A 182 10.30 3.05 6.81
C GLU A 182 10.31 3.02 6.85
N LEU A 183 9.07 3.21 7.33
CA LEU A 183 7.87 3.16 6.44
C LEU A 183 7.91 4.31 5.40
N PHE A 184 8.11 5.53 5.86
CA PHE A 184 8.19 6.71 4.96
C PHE A 184 9.38 6.59 3.98
N SER A 185 10.55 6.19 4.49
N SER A 185 10.56 6.16 4.45
CA SER A 185 11.77 5.96 3.65
CA SER A 185 11.73 6.06 3.53
C SER A 185 11.46 4.94 2.55
C SER A 185 11.55 4.89 2.54
N SER A 186 10.80 3.84 2.92
CA SER A 186 10.56 2.69 2.00
C SER A 186 9.73 3.14 0.78
N VAL A 187 8.75 4.02 0.96
CA VAL A 187 7.94 4.41 -0.24
C VAL A 187 8.81 5.25 -1.21
N LEU A 188 9.71 6.10 -0.71
CA LEU A 188 10.68 6.83 -1.59
C LEU A 188 11.66 5.85 -2.24
N GLN A 189 12.23 4.92 -1.47
CA GLN A 189 13.16 3.91 -2.05
C GLN A 189 12.47 3.12 -3.17
N GLU A 190 11.21 2.70 -3.02
CA GLU A 190 10.46 1.89 -4.04
C GLU A 190 10.26 2.75 -5.30
N ILE A 191 10.02 4.06 -5.16
CA ILE A 191 9.92 4.98 -6.33
C ILE A 191 11.28 5.07 -7.03
N CYS A 192 12.36 5.26 -6.28
CA CYS A 192 13.72 5.34 -6.88
C CYS A 192 14.08 4.02 -7.57
N ASP A 193 13.82 2.87 -6.94
CA ASP A 193 14.21 1.55 -7.52
C ASP A 193 13.42 1.20 -8.78
N GLU A 194 12.11 1.45 -8.84
CA GLU A 194 11.25 1.00 -9.98
C GLU A 194 11.09 2.10 -11.04
N VAL A 195 10.96 3.38 -10.66
CA VAL A 195 10.71 4.46 -11.65
C VAL A 195 12.06 5.05 -12.08
N ASN A 196 13.15 4.79 -11.36
CA ASN A 196 14.53 5.25 -11.71
C ASN A 196 14.61 6.78 -11.57
N LEU A 197 13.92 7.36 -10.59
CA LEU A 197 13.96 8.80 -10.33
C LEU A 197 15.02 9.15 -9.30
N PRO A 198 15.71 10.32 -9.42
CA PRO A 198 16.61 10.75 -8.37
C PRO A 198 15.83 11.08 -7.08
N LEU A 199 16.36 10.66 -5.95
CA LEU A 199 15.72 10.92 -4.63
C LEU A 199 15.46 12.41 -4.42
N LEU A 200 16.38 13.29 -4.86
CA LEU A 200 16.22 14.75 -4.64
C LEU A 200 15.12 15.37 -5.49
N THR A 201 14.47 14.65 -6.40
CA THR A 201 13.29 15.20 -7.13
C THR A 201 11.99 14.88 -6.37
N LEU A 202 12.03 14.18 -5.23
CA LEU A 202 10.80 13.75 -4.48
C LEU A 202 10.56 14.57 -3.19
N SER A 203 9.31 14.91 -2.92
CA SER A 203 8.84 15.55 -1.65
C SER A 203 8.86 14.53 -0.51
N GLN A 204 8.87 15.00 0.74
CA GLN A 204 8.59 14.07 1.86
C GLN A 204 7.16 13.54 1.68
N PRO A 205 6.93 12.23 1.87
CA PRO A 205 5.57 11.69 1.68
C PRO A 205 4.57 12.23 2.72
N LEU A 206 3.28 12.25 2.37
CA LEU A 206 2.17 12.40 3.32
C LEU A 206 1.36 11.11 3.34
N LEU A 207 1.04 10.58 4.52
CA LEU A 207 0.15 9.40 4.59
C LEU A 207 -1.30 9.81 4.31
N LEU A 208 -1.92 9.23 3.26
CA LEU A 208 -3.35 9.52 2.92
C LEU A 208 -4.30 8.64 3.72
N GLY A 209 -3.94 7.38 4.00
CA GLY A 209 -4.80 6.41 4.70
C GLY A 209 -4.29 5.01 4.52
N ILE A 210 -5.12 4.06 4.90
CA ILE A 210 -4.85 2.60 4.79
C ILE A 210 -6.04 1.92 4.11
N ALA A 211 -5.75 1.06 3.13
CA ALA A 211 -6.75 0.29 2.35
C ALA A 211 -6.47 -1.20 2.54
N ARG A 212 -7.52 -2.03 2.60
CA ARG A 212 -7.43 -3.52 2.64
C ARG A 212 -7.81 -4.13 1.28
N ASN A 213 -7.11 -5.18 0.87
CA ASN A 213 -7.26 -5.99 -0.37
C ASN A 213 -8.06 -7.23 0.02
N GLU A 214 -9.36 -7.22 -0.20
CA GLU A 214 -10.25 -8.35 0.16
C GLU A 214 -10.01 -9.55 -0.77
N THR A 215 -9.32 -9.38 -1.89
CA THR A 215 -8.91 -10.52 -2.78
C THR A 215 -7.68 -11.24 -2.21
N SER A 216 -6.98 -10.64 -1.26
CA SER A 216 -5.82 -11.24 -0.58
C SER A 216 -6.14 -11.38 0.93
N ALA A 217 -7.39 -11.76 1.27
CA ALA A 217 -7.88 -12.08 2.64
C ALA A 217 -7.71 -10.90 3.60
N GLY A 218 -7.75 -9.67 3.08
CA GLY A 218 -7.78 -8.46 3.92
C GLY A 218 -6.42 -7.88 4.26
N ARG A 219 -5.32 -8.28 3.59
CA ARG A 219 -4.02 -7.64 3.90
C ARG A 219 -4.02 -6.16 3.48
N ALA A 220 -3.41 -5.32 4.31
CA ALA A 220 -3.55 -3.84 4.23
C ALA A 220 -2.30 -3.21 3.58
N SER A 221 -2.50 -2.05 2.96
CA SER A 221 -1.41 -1.21 2.44
C SER A 221 -1.59 0.23 2.92
N ALA A 222 -0.52 0.84 3.42
CA ALA A 222 -0.46 2.30 3.69
C ALA A 222 -0.29 3.03 2.36
N GLU A 223 -1.15 4.02 2.07
CA GLU A 223 -1.16 4.76 0.79
C GLU A 223 -0.73 6.21 1.01
N PHE A 224 0.29 6.64 0.26
CA PHE A 224 0.99 7.94 0.48
C PHE A 224 0.84 8.84 -0.75
N TYR A 225 0.94 10.15 -0.57
CA TYR A 225 1.03 11.16 -1.66
C TYR A 225 2.49 11.64 -1.71
N VAL A 226 3.10 11.63 -2.89
CA VAL A 226 4.47 12.11 -3.13
C VAL A 226 4.42 12.99 -4.38
N GLN A 227 5.06 14.15 -4.30
N GLN A 227 5.02 14.18 -4.30
CA GLN A 227 5.16 15.10 -5.43
CA GLN A 227 5.14 15.11 -5.46
C GLN A 227 6.56 15.01 -6.03
C GLN A 227 6.56 14.97 -6.03
N CYS A 228 6.68 15.03 -7.36
CA CYS A 228 7.96 15.01 -8.08
C CYS A 228 8.12 16.37 -8.78
N SER A 229 9.35 16.87 -8.81
CA SER A 229 9.68 18.17 -9.45
C SER A 229 9.87 18.01 -10.97
N LEU A 230 9.85 16.77 -11.49
CA LEU A 230 10.01 16.49 -12.93
C LEU A 230 8.64 16.44 -13.60
N THR A 231 8.59 16.80 -14.89
CA THR A 231 7.38 16.61 -15.73
C THR A 231 7.19 15.14 -16.11
N SER A 232 6.00 14.80 -16.55
CA SER A 232 5.63 13.45 -17.08
C SER A 232 6.66 13.03 -18.15
N GLU A 233 7.03 13.92 -19.07
CA GLU A 233 8.01 13.55 -20.14
C GLU A 233 9.36 13.17 -19.50
N GLN A 234 9.81 13.94 -18.52
CA GLN A 234 11.09 13.69 -17.82
C GLN A 234 11.00 12.39 -17.02
N VAL A 235 9.87 12.12 -16.31
CA VAL A 235 9.70 10.84 -15.57
C VAL A 235 9.78 9.64 -16.53
N ARG A 236 9.10 9.73 -17.67
CA ARG A 236 9.11 8.67 -18.72
C ARG A 236 10.54 8.40 -19.16
N LYS A 237 11.31 9.46 -19.47
CA LYS A 237 12.73 9.29 -19.92
C LYS A 237 13.52 8.54 -18.85
N HIS A 238 13.42 8.92 -17.56
CA HIS A 238 14.18 8.25 -16.47
C HIS A 238 13.80 6.77 -16.38
N TYR A 239 12.51 6.43 -16.34
CA TYR A 239 12.03 5.03 -16.30
C TYR A 239 12.64 4.25 -17.47
N LEU A 240 12.47 4.75 -18.70
CA LEU A 240 12.88 3.95 -19.90
C LEU A 240 14.40 3.82 -19.97
N SER A 241 15.14 4.84 -19.52
CA SER A 241 16.62 4.89 -19.65
C SER A 241 17.29 3.82 -18.78
N GLY A 242 16.56 3.18 -17.87
CA GLY A 242 17.09 2.02 -17.12
C GLY A 242 17.17 0.76 -17.99
N GLY A 243 16.32 0.65 -19.00
CA GLY A 243 16.27 -0.57 -19.82
C GLY A 243 15.39 -1.63 -19.15
N PRO A 244 15.06 -2.72 -19.85
CA PRO A 244 14.07 -3.68 -19.33
C PRO A 244 14.45 -4.33 -17.98
N GLU A 245 15.74 -4.43 -17.64
CA GLU A 245 16.20 -5.07 -16.38
C GLU A 245 16.13 -4.10 -15.19
N ALA A 246 15.90 -2.82 -15.40
CA ALA A 246 15.92 -1.82 -14.30
C ALA A 246 14.54 -1.73 -13.63
N HIS A 247 13.52 -2.43 -14.12
CA HIS A 247 12.15 -2.38 -13.55
C HIS A 247 11.44 -3.73 -13.66
N GLU A 248 10.58 -4.06 -12.69
CA GLU A 248 9.75 -5.31 -12.67
C GLU A 248 8.51 -5.10 -13.56
N SER A 249 7.99 -3.89 -13.60
CA SER A 249 6.85 -3.54 -14.50
C SER A 249 7.28 -3.65 -15.97
N THR A 250 6.31 -3.68 -16.88
CA THR A 250 6.55 -3.76 -18.35
C THR A 250 6.26 -2.44 -19.08
N GLY A 251 5.73 -1.43 -18.39
CA GLY A 251 5.42 -0.12 -19.01
C GLY A 251 5.03 0.89 -17.93
N ILE A 252 5.13 2.17 -18.30
CA ILE A 252 4.73 3.36 -17.49
C ILE A 252 3.71 4.16 -18.30
N PHE A 253 2.79 4.81 -17.60
CA PHE A 253 1.89 5.78 -18.27
C PHE A 253 1.34 6.78 -17.26
N PHE A 254 0.63 7.81 -17.73
CA PHE A 254 0.28 9.02 -16.92
C PHE A 254 -1.20 9.36 -17.16
N VAL A 255 -1.92 9.75 -16.10
CA VAL A 255 -3.32 10.26 -16.21
C VAL A 255 -3.38 11.65 -15.56
N GLU A 256 -3.95 12.64 -16.24
CA GLU A 256 -4.06 13.99 -15.68
C GLU A 256 -4.78 13.90 -14.32
N THR A 257 -4.37 14.69 -13.31
CA THR A 257 -5.09 14.71 -12.02
C THR A 257 -6.54 15.14 -12.24
N GLN A 258 -6.79 16.01 -13.23
CA GLN A 258 -8.17 16.36 -13.64
C GLN A 258 -9.04 15.12 -13.85
N ASN A 259 -8.49 14.11 -14.52
CA ASN A 259 -9.20 12.90 -15.01
C ASN A 259 -9.23 11.80 -13.93
N VAL A 260 -8.36 11.90 -12.92
CA VAL A 260 -8.35 10.87 -11.83
C VAL A 260 -9.66 10.94 -11.02
N ARG A 261 -10.22 12.14 -10.89
CA ARG A 261 -11.54 12.36 -10.26
C ARG A 261 -12.57 11.31 -10.70
N ARG A 262 -12.69 11.03 -12.01
CA ARG A 262 -13.76 10.13 -12.52
C ARG A 262 -13.17 8.77 -12.95
N LEU A 263 -11.95 8.43 -12.53
CA LEU A 263 -11.36 7.12 -12.95
C LEU A 263 -12.28 5.92 -12.66
N PRO A 264 -13.03 5.84 -11.54
CA PRO A 264 -13.90 4.69 -11.30
C PRO A 264 -15.04 4.48 -12.32
N GLU A 265 -15.28 5.48 -13.16
CA GLU A 265 -16.29 5.41 -14.23
C GLU A 265 -15.64 5.03 -15.58
N THR A 266 -14.34 4.83 -15.64
CA THR A 266 -13.59 4.54 -16.89
C THR A 266 -13.39 3.02 -17.06
N GLU A 267 -13.02 2.56 -18.26
CA GLU A 267 -12.64 1.16 -18.54
C GLU A 267 -11.32 0.81 -17.86
N MET A 268 -10.51 1.82 -17.47
CA MET A 268 -9.20 1.58 -16.79
C MET A 268 -9.49 0.91 -15.42
N TRP A 269 -10.60 1.25 -14.79
CA TRP A 269 -10.88 0.83 -13.37
C TRP A 269 -10.85 -0.69 -13.26
N ALA A 270 -11.43 -1.42 -14.22
CA ALA A 270 -11.45 -2.90 -14.21
C ALA A 270 -10.05 -3.48 -14.37
N GLU A 271 -9.05 -2.72 -14.82
CA GLU A 271 -7.67 -3.19 -15.00
C GLU A 271 -6.81 -2.86 -13.78
N LEU A 272 -7.29 -2.09 -12.81
CA LEU A 272 -6.46 -1.67 -11.64
C LEU A 272 -6.45 -2.78 -10.59
N CYS A 273 -5.28 -3.14 -10.10
CA CYS A 273 -5.19 -4.07 -8.94
C CYS A 273 -5.75 -3.42 -7.67
N PRO A 274 -6.24 -4.21 -6.69
CA PRO A 274 -6.89 -3.63 -5.51
C PRO A 274 -6.11 -2.56 -4.73
N SER A 275 -4.81 -2.77 -4.51
CA SER A 275 -4.01 -1.79 -3.72
C SER A 275 -3.88 -0.49 -4.51
N ALA A 276 -3.79 -0.55 -5.85
CA ALA A 276 -3.81 0.69 -6.67
C ALA A 276 -5.20 1.38 -6.60
N LYS A 277 -6.30 0.64 -6.64
CA LYS A 277 -7.65 1.23 -6.41
C LYS A 277 -7.68 1.97 -5.07
N GLY A 278 -7.10 1.36 -4.01
CA GLY A 278 -7.07 2.03 -2.69
C GLY A 278 -6.32 3.36 -2.72
N ALA A 279 -5.15 3.42 -3.40
CA ALA A 279 -4.35 4.65 -3.57
C ALA A 279 -5.19 5.74 -4.24
N ILE A 280 -5.92 5.39 -5.29
CA ILE A 280 -6.67 6.42 -6.08
C ILE A 280 -7.92 6.88 -5.33
N ILE A 281 -8.64 5.98 -4.66
CA ILE A 281 -9.78 6.39 -3.79
C ILE A 281 -9.28 7.36 -2.71
N LEU A 282 -8.20 7.01 -2.01
CA LEU A 282 -7.69 7.91 -0.93
C LEU A 282 -7.15 9.22 -1.52
N TYR A 283 -6.49 9.23 -2.67
CA TYR A 283 -6.04 10.48 -3.33
C TYR A 283 -7.27 11.36 -3.58
N ASN A 284 -8.34 10.78 -4.14
CA ASN A 284 -9.54 11.57 -4.50
C ASN A 284 -10.21 12.14 -3.25
N ARG A 285 -10.22 11.42 -2.13
CA ARG A 285 -10.93 11.85 -0.89
C ARG A 285 -10.10 12.85 -0.08
N VAL A 286 -8.79 12.71 -0.07
CA VAL A 286 -7.88 13.40 0.88
C VAL A 286 -7.16 14.56 0.19
N GLN A 287 -6.59 14.41 -1.03
CA GLN A 287 -5.92 15.53 -1.77
C GLN A 287 -6.96 16.23 -2.67
N GLY A 288 -7.82 15.50 -3.36
CA GLY A 288 -8.95 16.09 -4.10
C GLY A 288 -10.05 16.49 -3.13
N SER A 289 -11.29 16.64 -3.60
CA SER A 289 -12.50 16.91 -2.76
C SER A 289 -12.25 18.17 -1.92
N PRO A 290 -12.15 19.37 -2.55
CA PRO A 290 -11.85 20.59 -1.80
C PRO A 290 -13.01 20.99 -0.85
N THR A 291 -12.69 21.68 0.26
CA THR A 291 -13.66 22.06 1.32
C THR A 291 -13.95 23.58 1.30
N GLY A 292 -13.15 24.41 0.61
CA GLY A 292 -13.23 25.88 0.70
C GLY A 292 -14.00 26.47 -0.48
N ALA A 293 -14.39 27.75 -0.36
CA ALA A 293 -15.23 28.46 -1.35
C ALA A 293 -14.54 28.62 -2.71
N ALA A 294 -13.23 28.95 -2.73
CA ALA A 294 -12.45 29.13 -3.98
C ALA A 294 -12.42 27.83 -4.81
N LEU A 295 -11.80 26.77 -4.30
CA LEU A 295 -11.60 25.52 -5.11
C LEU A 295 -12.93 24.77 -5.28
N GLY A 296 -13.93 25.06 -4.45
CA GLY A 296 -15.27 24.45 -4.53
C GLY A 296 -16.21 25.20 -5.47
N SER A 297 -15.80 26.34 -6.04
CA SER A 297 -16.62 27.14 -7.00
C SER A 297 -16.88 26.31 -8.27
N PRO A 298 -18.09 26.40 -8.92
CA PRO A 298 -18.42 25.55 -10.08
C PRO A 298 -17.40 25.51 -11.24
N ALA A 299 -16.76 26.63 -11.59
CA ALA A 299 -15.79 26.64 -12.73
C ALA A 299 -14.53 25.79 -12.40
N LEU A 300 -14.12 25.74 -11.13
CA LEU A 300 -12.95 24.92 -10.66
C LEU A 300 -13.35 23.51 -10.23
N LEU A 301 -14.59 23.25 -9.79
CA LEU A 301 -15.10 21.90 -9.40
C LEU A 301 -16.38 21.65 -10.18
N PRO A 302 -16.25 21.28 -11.47
CA PRO A 302 -17.41 21.12 -12.35
C PRO A 302 -18.38 20.05 -11.80
N PRO A 303 -19.69 20.35 -11.72
CA PRO A 303 -20.67 19.36 -11.26
C PRO A 303 -20.71 18.08 -12.13
N LEU A 304 -20.77 16.90 -11.51
CA LEU A 304 -21.17 15.63 -12.16
C LEU A 304 -20.09 14.56 -12.02
#